data_5V4T
#
_entry.id   5V4T
#
_cell.length_a   71.466
_cell.length_b   114.360
_cell.length_c   64.857
_cell.angle_alpha   90.00
_cell.angle_beta   90.00
_cell.angle_gamma   90.00
#
_symmetry.space_group_name_H-M   'P 21 21 2'
#
loop_
_entity.id
_entity.type
_entity.pdbx_description
1 polymer 'hypothetic aldehyde deformylating oxygenase'
2 non-polymer 'FE (III) ION'
3 non-polymer 1,2-ETHANEDIOL
4 water water
#
_entity_poly.entity_id   1
_entity_poly.type   'polypeptide(L)'
_entity_poly.pdbx_seq_one_letter_code
;MDKNWFSTPQEIREGIKYLSAHFYPASIMDRWKILKKLSFEKAKIIANYSLQQVIEEIEHFDFFNEYFKEDPLTTVRLPP
SYIKLFDGLVEDFQSSRWRENIATRFHMITEGVLATVGLKILNETSRKYNLLKFNEGIKRIIEDEARHVSFGLSLIEDKE
YAVKRVEELFPLAVQIVKEGKDKIEPLGYSIQELVNLMEELKKARINKILGSGSHHHHHH
;
_entity_poly.pdbx_strand_id   A,B
#
# COMPACT_ATOMS: atom_id res chain seq x y z
N MET A 1 12.00 15.34 -1.56
CA MET A 1 13.36 14.70 -1.61
C MET A 1 13.85 14.55 -0.19
N ASP A 2 14.65 13.52 0.10
CA ASP A 2 14.94 13.30 1.47
C ASP A 2 15.93 14.38 1.89
N LYS A 3 15.77 14.82 3.12
CA LYS A 3 16.67 15.90 3.60
C LYS A 3 18.14 15.47 3.73
N ASN A 4 18.41 14.16 3.89
CA ASN A 4 19.76 13.66 3.86
C ASN A 4 20.32 13.22 2.53
N TRP A 5 19.67 13.58 1.44
CA TRP A 5 20.16 13.23 0.14
C TRP A 5 21.61 13.74 -0.10
N PHE A 6 21.86 15.04 0.15
CA PHE A 6 23.16 15.57 -0.21
C PHE A 6 24.25 15.14 0.73
N SER A 7 23.91 14.62 1.91
CA SER A 7 24.93 14.02 2.73
C SER A 7 25.24 12.58 2.37
N THR A 8 24.50 12.00 1.44
CA THR A 8 24.88 10.74 0.84
C THR A 8 26.13 10.91 -0.06
N PRO A 9 27.03 9.91 -0.06
CA PRO A 9 28.19 10.00 -0.93
C PRO A 9 27.86 10.20 -2.39
N GLN A 10 28.70 10.96 -3.08
CA GLN A 10 28.42 11.31 -4.44
C GLN A 10 28.25 10.11 -5.37
N GLU A 11 29.13 9.12 -5.29
CA GLU A 11 29.02 7.94 -6.19
C GLU A 11 27.70 7.16 -5.99
N ILE A 12 27.22 7.22 -4.76
CA ILE A 12 25.93 6.59 -4.39
C ILE A 12 24.79 7.39 -4.99
N ARG A 13 24.81 8.71 -4.82
CA ARG A 13 23.83 9.52 -5.53
C ARG A 13 23.86 9.35 -7.03
N GLU A 14 25.07 9.27 -7.62
CA GLU A 14 25.16 9.10 -9.06
C GLU A 14 24.53 7.80 -9.53
N GLY A 15 24.76 6.75 -8.76
CA GLY A 15 24.22 5.45 -9.09
C GLY A 15 22.71 5.40 -8.95
N ILE A 16 22.21 6.00 -7.90
CA ILE A 16 20.77 6.08 -7.70
C ILE A 16 20.10 6.87 -8.81
N LYS A 17 20.69 8.01 -9.18
CA LYS A 17 20.14 8.76 -10.27
C LYS A 17 20.20 7.99 -11.56
N TYR A 18 21.27 7.25 -11.78
CA TYR A 18 21.41 6.52 -13.05
C TYR A 18 20.32 5.46 -13.22
N LEU A 19 20.12 4.75 -12.13
CA LEU A 19 19.06 3.72 -12.15
C LEU A 19 17.68 4.33 -12.20
N SER A 20 17.44 5.41 -11.46
CA SER A 20 16.16 6.09 -11.48
C SER A 20 15.81 6.59 -12.88
N ALA A 21 16.83 7.03 -13.64
CA ALA A 21 16.56 7.52 -15.00
C ALA A 21 16.04 6.39 -15.92
N HIS A 22 16.31 5.15 -15.60
CA HIS A 22 15.70 4.02 -16.33
C HIS A 22 14.20 3.93 -16.11
N PHE A 23 13.74 4.38 -14.96
CA PHE A 23 12.30 4.49 -14.72
C PHE A 23 11.69 5.80 -15.18
N TYR A 24 12.51 6.81 -15.29
CA TYR A 24 12.07 8.16 -15.67
C TYR A 24 13.17 8.82 -16.52
N PRO A 25 13.26 8.46 -17.83
CA PRO A 25 14.38 8.83 -18.67
C PRO A 25 14.30 10.27 -19.17
N ALA A 26 14.45 11.20 -18.23
CA ALA A 26 14.17 12.59 -18.45
C ALA A 26 15.01 13.17 -19.59
N SER A 27 16.26 12.73 -19.78
CA SER A 27 17.12 13.26 -20.84
C SER A 27 16.58 12.95 -22.24
N ILE A 28 15.77 11.92 -22.39
CA ILE A 28 15.30 11.55 -23.73
C ILE A 28 13.85 11.11 -23.85
N MET A 29 12.99 11.40 -22.89
CA MET A 29 11.65 10.81 -22.93
C MET A 29 10.73 11.34 -24.05
N ASP A 30 10.96 12.59 -24.48
CA ASP A 30 10.28 13.14 -25.70
C ASP A 30 10.40 12.24 -26.94
N ARG A 31 11.48 11.47 -27.03
CA ARG A 31 11.65 10.46 -28.10
C ARG A 31 10.44 9.54 -28.24
N TRP A 32 9.83 9.21 -27.11
CA TRP A 32 8.78 8.24 -27.04
C TRP A 32 7.46 8.87 -26.58
N LYS A 33 7.28 10.12 -26.92
CA LYS A 33 6.01 10.82 -26.63
C LYS A 33 4.78 10.03 -27.08
N ILE A 34 4.92 9.36 -28.23
CA ILE A 34 3.85 8.61 -28.85
C ILE A 34 3.32 7.48 -27.95
N LEU A 35 4.15 6.99 -27.01
CA LEU A 35 3.72 5.91 -26.14
C LEU A 35 2.59 6.29 -25.26
N LYS A 36 2.47 7.57 -24.93
CA LYS A 36 1.33 7.99 -24.07
C LYS A 36 0.00 7.70 -24.80
N LYS A 37 -0.13 8.19 -26.02
CA LYS A 37 -1.34 7.97 -26.83
C LYS A 37 -1.58 6.49 -27.06
N LEU A 38 -0.55 5.77 -27.45
CA LEU A 38 -0.71 4.35 -27.74
C LEU A 38 -1.11 3.58 -26.51
N SER A 39 -0.52 3.90 -25.37
CA SER A 39 -0.89 3.16 -24.16
C SER A 39 -2.32 3.47 -23.72
N PHE A 40 -2.73 4.73 -23.89
CA PHE A 40 -4.13 5.09 -23.55
C PHE A 40 -5.11 4.36 -24.47
N GLU A 41 -4.78 4.35 -25.75
CA GLU A 41 -5.61 3.67 -26.73
C GLU A 41 -5.81 2.21 -26.48
N LYS A 42 -4.72 1.50 -26.27
CA LYS A 42 -4.78 0.12 -25.96
C LYS A 42 -5.45 -0.16 -24.64
N ALA A 43 -5.21 0.68 -23.63
CA ALA A 43 -5.85 0.44 -22.36
C ALA A 43 -7.39 0.61 -22.41
N LYS A 44 -7.87 1.53 -23.24
CA LYS A 44 -9.28 1.74 -23.43
C LYS A 44 -9.96 0.58 -24.17
N ILE A 45 -9.16 -0.15 -24.93
CA ILE A 45 -9.64 -1.33 -25.60
C ILE A 45 -9.84 -2.47 -24.67
N ILE A 46 -8.76 -2.80 -23.97
CA ILE A 46 -8.77 -3.93 -22.98
C ILE A 46 -9.61 -3.62 -21.76
N ALA A 47 -9.51 -2.37 -21.30
CA ALA A 47 -10.42 -1.76 -20.29
C ALA A 47 -10.63 -2.51 -19.01
N ASN A 48 -9.64 -3.25 -18.57
CA ASN A 48 -9.75 -3.91 -17.23
C ASN A 48 -8.72 -3.30 -16.27
N TYR A 49 -7.83 -4.12 -15.72
CA TYR A 49 -6.73 -3.54 -14.96
C TYR A 49 -5.83 -2.63 -15.84
N SER A 50 -5.89 -2.75 -17.19
CA SER A 50 -5.00 -1.98 -18.03
C SER A 50 -5.07 -0.45 -17.78
N LEU A 51 -6.27 0.02 -17.46
CA LEU A 51 -6.41 1.44 -17.17
C LEU A 51 -5.74 1.83 -15.82
N GLN A 52 -5.87 0.99 -14.81
CA GLN A 52 -5.16 1.17 -13.55
C GLN A 52 -3.66 1.11 -13.79
N GLN A 53 -3.22 0.17 -14.61
CA GLN A 53 -1.77 0.13 -14.89
C GLN A 53 -1.21 1.40 -15.49
N VAL A 54 -1.92 1.94 -16.49
CA VAL A 54 -1.43 3.18 -17.08
C VAL A 54 -1.40 4.31 -16.06
N ILE A 55 -2.43 4.41 -15.25
CA ILE A 55 -2.42 5.45 -14.17
C ILE A 55 -1.24 5.22 -13.22
N GLU A 56 -0.97 3.96 -12.88
CA GLU A 56 0.13 3.64 -11.98
C GLU A 56 1.46 3.99 -12.60
N GLU A 57 1.63 3.77 -13.90
CA GLU A 57 2.86 4.15 -14.55
C GLU A 57 3.08 5.69 -14.51
N ILE A 58 2.02 6.45 -14.71
CA ILE A 58 2.08 7.88 -14.54
C ILE A 58 2.45 8.26 -13.14
N GLU A 59 1.82 7.64 -12.17
CA GLU A 59 2.23 7.87 -10.79
C GLU A 59 3.71 7.61 -10.49
N HIS A 60 4.25 6.54 -11.10
CA HIS A 60 5.68 6.25 -10.95
C HIS A 60 6.54 7.37 -11.52
N PHE A 61 6.17 7.84 -12.72
CA PHE A 61 6.87 8.98 -13.34
C PHE A 61 6.81 10.16 -12.45
N ASP A 62 5.65 10.42 -11.92
CA ASP A 62 5.46 11.60 -11.06
C ASP A 62 6.30 11.50 -9.78
N PHE A 63 6.41 10.32 -9.19
CA PHE A 63 7.27 10.11 -8.03
C PHE A 63 8.73 10.52 -8.33
N PHE A 64 9.25 10.04 -9.45
CA PHE A 64 10.66 10.33 -9.76
C PHE A 64 10.81 11.82 -10.09
N ASN A 65 9.87 12.36 -10.81
CA ASN A 65 10.00 13.78 -11.21
C ASN A 65 9.96 14.65 -10.00
N GLU A 66 9.08 14.37 -9.06
CA GLU A 66 9.01 15.14 -7.83
C GLU A 66 10.20 14.95 -6.94
N TYR A 67 10.67 13.71 -6.79
CA TYR A 67 11.77 13.45 -5.93
C TYR A 67 13.04 14.19 -6.39
N PHE A 68 13.27 14.20 -7.69
CA PHE A 68 14.51 14.72 -8.26
C PHE A 68 14.37 16.17 -8.78
N LYS A 69 13.31 16.84 -8.39
CA LYS A 69 13.19 18.32 -8.66
C LYS A 69 14.53 19.04 -8.44
N GLU A 70 15.16 18.73 -7.30
CA GLU A 70 16.40 19.38 -6.82
C GLU A 70 17.71 18.69 -7.14
N ASP A 71 17.63 17.69 -8.00
CA ASP A 71 18.81 17.02 -8.51
C ASP A 71 18.35 16.30 -9.76
N PRO A 72 18.07 17.07 -10.82
CA PRO A 72 17.31 16.45 -11.91
C PRO A 72 18.02 15.38 -12.73
N LEU A 73 17.20 14.49 -13.30
CA LEU A 73 17.67 13.35 -14.02
C LEU A 73 17.99 13.63 -15.49
N THR A 74 17.80 14.88 -15.88
CA THR A 74 18.17 15.30 -17.25
C THR A 74 19.67 15.20 -17.47
N THR A 75 20.45 15.14 -16.42
CA THR A 75 21.90 14.95 -16.54
C THR A 75 22.28 13.51 -16.95
N VAL A 76 21.33 12.58 -16.98
CA VAL A 76 21.69 11.20 -17.13
C VAL A 76 21.48 10.72 -18.53
N ARG A 77 22.53 10.17 -19.12
CA ARG A 77 22.47 9.54 -20.44
C ARG A 77 22.08 8.06 -20.27
N LEU A 78 21.02 7.66 -20.97
CA LEU A 78 20.60 6.24 -21.00
C LEU A 78 21.45 5.46 -21.96
N PRO A 79 21.72 4.18 -21.64
CA PRO A 79 22.53 3.41 -22.55
C PRO A 79 21.85 3.02 -23.89
N PRO A 80 22.66 2.69 -24.91
CA PRO A 80 22.10 2.45 -26.23
C PRO A 80 21.07 1.31 -26.28
N SER A 81 21.33 0.25 -25.51
CA SER A 81 20.42 -0.90 -25.48
C SER A 81 19.07 -0.53 -24.83
N TYR A 82 19.08 0.43 -23.92
CA TYR A 82 17.80 0.90 -23.33
C TYR A 82 17.00 1.65 -24.37
N ILE A 83 17.71 2.48 -25.14
CA ILE A 83 17.03 3.20 -26.22
C ILE A 83 16.39 2.24 -27.24
N LYS A 84 17.10 1.15 -27.60
CA LYS A 84 16.59 0.11 -28.46
C LYS A 84 15.36 -0.58 -27.87
N LEU A 85 15.39 -0.84 -26.57
CA LEU A 85 14.27 -1.52 -25.96
C LEU A 85 13.01 -0.74 -26.14
N PHE A 86 13.05 0.55 -25.87
CA PHE A 86 11.86 1.37 -25.94
C PHE A 86 11.49 1.73 -27.37
N ASP A 87 12.46 1.85 -28.28
CA ASP A 87 12.10 2.02 -29.72
C ASP A 87 11.27 0.81 -30.17
N GLY A 88 11.72 -0.37 -29.75
CA GLY A 88 11.01 -1.56 -29.99
C GLY A 88 9.60 -1.59 -29.43
N LEU A 89 9.40 -1.04 -28.23
CA LEU A 89 8.06 -1.04 -27.66
C LEU A 89 7.11 -0.20 -28.48
N VAL A 90 7.56 0.93 -29.00
CA VAL A 90 6.70 1.71 -29.88
C VAL A 90 6.25 0.84 -31.08
N GLU A 91 7.18 0.16 -31.71
CA GLU A 91 6.85 -0.78 -32.81
C GLU A 91 5.83 -1.85 -32.39
N ASP A 92 6.03 -2.42 -31.22
CA ASP A 92 5.11 -3.40 -30.69
C ASP A 92 3.70 -2.86 -30.51
N PHE A 93 3.59 -1.64 -30.00
CA PHE A 93 2.26 -1.05 -29.82
C PHE A 93 1.51 -0.88 -31.14
N GLN A 94 2.29 -0.73 -32.19
CA GLN A 94 1.75 -0.50 -33.53
C GLN A 94 1.62 -1.78 -34.31
N SER A 95 1.96 -2.91 -33.72
CA SER A 95 1.92 -4.16 -34.42
C SER A 95 0.60 -4.83 -34.31
N SER A 96 0.51 -5.86 -35.16
CA SER A 96 -0.67 -6.70 -35.24
C SER A 96 -0.92 -7.49 -33.93
N ARG A 97 0.10 -8.18 -33.48
CA ARG A 97 -0.05 -8.97 -32.24
C ARG A 97 0.39 -8.07 -31.09
N TRP A 98 -0.19 -6.87 -31.00
CA TRP A 98 0.26 -5.91 -29.98
C TRP A 98 0.08 -6.43 -28.55
N ARG A 99 -0.97 -7.20 -28.26
CA ARG A 99 -1.25 -7.64 -26.87
C ARG A 99 -0.11 -8.55 -26.43
N GLU A 100 0.19 -9.56 -27.21
CA GLU A 100 1.31 -10.47 -26.83
C GLU A 100 2.71 -9.83 -26.96
N ASN A 101 2.88 -8.94 -27.94
CA ASN A 101 4.17 -8.29 -28.10
C ASN A 101 4.51 -7.33 -26.97
N ILE A 102 3.55 -6.53 -26.57
CA ILE A 102 3.72 -5.69 -25.40
C ILE A 102 3.83 -6.51 -24.11
N ALA A 103 3.04 -7.54 -23.97
CA ALA A 103 3.08 -8.33 -22.74
C ALA A 103 4.43 -8.97 -22.53
N THR A 104 5.08 -9.40 -23.63
CA THR A 104 6.43 -9.97 -23.50
C THR A 104 7.53 -8.94 -23.38
N ARG A 105 7.55 -7.92 -24.23
CA ARG A 105 8.60 -6.93 -24.16
C ARG A 105 8.51 -6.08 -22.90
N PHE A 106 7.28 -5.68 -22.58
CA PHE A 106 7.10 -4.75 -21.44
C PHE A 106 6.81 -5.52 -20.18
N HIS A 107 5.68 -6.22 -20.06
CA HIS A 107 5.41 -6.81 -18.76
C HIS A 107 6.47 -7.82 -18.34
N MET A 108 6.82 -8.75 -19.22
CA MET A 108 7.76 -9.80 -18.80
C MET A 108 9.19 -9.31 -18.72
N ILE A 109 9.73 -8.73 -19.78
CA ILE A 109 11.13 -8.39 -19.81
C ILE A 109 11.39 -7.08 -19.03
N THR A 110 10.59 -6.08 -19.32
CA THR A 110 10.89 -4.74 -18.76
C THR A 110 10.48 -4.70 -17.32
N GLU A 111 9.23 -5.04 -17.02
CA GLU A 111 8.76 -5.06 -15.64
C GLU A 111 9.25 -6.27 -14.88
N GLY A 112 9.25 -7.45 -15.48
CA GLY A 112 9.48 -8.68 -14.73
C GLY A 112 10.91 -9.12 -14.66
N VAL A 113 11.79 -8.50 -15.44
CA VAL A 113 13.24 -8.80 -15.31
C VAL A 113 14.03 -7.52 -15.01
N LEU A 114 14.04 -6.55 -15.89
CA LEU A 114 14.85 -5.34 -15.72
C LEU A 114 14.41 -4.54 -14.52
N ALA A 115 13.13 -4.22 -14.43
CA ALA A 115 12.64 -3.38 -13.32
C ALA A 115 12.84 -4.09 -12.01
N THR A 116 12.63 -5.42 -11.95
CA THR A 116 12.82 -6.20 -10.77
C THR A 116 14.23 -6.01 -10.20
N VAL A 117 15.24 -6.05 -11.10
CA VAL A 117 16.64 -5.84 -10.70
C VAL A 117 16.92 -4.38 -10.27
N GLY A 118 16.42 -3.43 -11.06
CA GLY A 118 16.66 -2.04 -10.77
C GLY A 118 16.03 -1.62 -9.46
N LEU A 119 14.81 -2.09 -9.23
CA LEU A 119 14.08 -1.76 -8.01
C LEU A 119 14.73 -2.43 -6.78
N LYS A 120 15.22 -3.66 -6.94
CA LYS A 120 16.00 -4.31 -5.87
C LYS A 120 17.18 -3.43 -5.47
N ILE A 121 17.95 -2.99 -6.43
CA ILE A 121 19.10 -2.17 -6.13
C ILE A 121 18.68 -0.86 -5.48
N LEU A 122 17.65 -0.21 -6.03
CA LEU A 122 17.15 1.04 -5.43
C LEU A 122 16.64 0.88 -4.03
N ASN A 123 15.92 -0.23 -3.78
CA ASN A 123 15.42 -0.52 -2.42
C ASN A 123 16.55 -0.71 -1.41
N GLU A 124 17.43 -1.61 -1.75
CA GLU A 124 18.55 -1.96 -0.88
C GLU A 124 19.45 -0.74 -0.60
N THR A 125 19.72 0.02 -1.65
CA THR A 125 20.65 1.14 -1.56
C THR A 125 20.02 2.28 -0.75
N SER A 126 18.75 2.59 -1.01
CA SER A 126 18.07 3.65 -0.27
C SER A 126 17.90 3.27 1.18
N ARG A 127 17.67 1.98 1.47
CA ARG A 127 17.64 1.51 2.84
C ARG A 127 18.96 1.70 3.55
N LYS A 128 20.04 1.33 2.91
CA LYS A 128 21.38 1.38 3.47
C LYS A 128 21.73 2.81 3.84
N TYR A 129 21.31 3.76 2.99
CA TYR A 129 21.65 5.17 3.17
C TYR A 129 20.56 5.98 3.84
N ASN A 130 19.58 5.30 4.43
CA ASN A 130 18.54 5.97 5.16
C ASN A 130 17.78 7.07 4.43
N LEU A 131 17.53 6.85 3.12
CA LEU A 131 16.73 7.74 2.32
C LEU A 131 15.26 7.30 2.43
N LEU A 132 14.58 7.76 3.45
CA LEU A 132 13.35 7.10 3.85
C LEU A 132 12.19 7.29 2.91
N LYS A 133 11.95 8.51 2.42
CA LYS A 133 10.87 8.74 1.49
C LYS A 133 11.15 8.05 0.17
N PHE A 134 12.40 8.09 -0.27
CA PHE A 134 12.75 7.41 -1.51
C PHE A 134 12.46 5.93 -1.37
N ASN A 135 12.93 5.35 -0.27
CA ASN A 135 12.76 3.92 -0.05
C ASN A 135 11.28 3.52 -0.04
N GLU A 136 10.44 4.29 0.61
CA GLU A 136 9.04 3.97 0.66
C GLU A 136 8.42 4.06 -0.71
N GLY A 137 8.88 5.00 -1.52
CA GLY A 137 8.39 5.14 -2.87
C GLY A 137 8.78 3.92 -3.70
N ILE A 138 9.99 3.47 -3.55
CA ILE A 138 10.43 2.27 -4.30
C ILE A 138 9.61 1.04 -3.83
N LYS A 139 9.38 0.89 -2.53
CA LYS A 139 8.56 -0.25 -2.04
C LYS A 139 7.18 -0.21 -2.68
N ARG A 140 6.62 0.99 -2.84
CA ARG A 140 5.31 1.12 -3.46
C ARG A 140 5.34 0.72 -4.92
N ILE A 141 6.38 1.10 -5.62
CA ILE A 141 6.51 0.71 -7.01
C ILE A 141 6.69 -0.80 -7.12
N ILE A 142 7.49 -1.38 -6.25
CA ILE A 142 7.66 -2.86 -6.24
C ILE A 142 6.32 -3.54 -6.10
N GLU A 143 5.50 -3.08 -5.16
CA GLU A 143 4.17 -3.67 -5.02
C GLU A 143 3.33 -3.57 -6.26
N ASP A 144 3.32 -2.37 -6.85
CA ASP A 144 2.59 -2.14 -8.07
C ASP A 144 3.10 -3.07 -9.16
N GLU A 145 4.42 -3.18 -9.28
CA GLU A 145 5.01 -3.93 -10.39
C GLU A 145 4.69 -5.40 -10.33
N ALA A 146 4.55 -5.95 -9.13
CA ALA A 146 4.11 -7.32 -9.00
C ALA A 146 2.75 -7.56 -9.62
N ARG A 147 1.84 -6.62 -9.46
CA ARG A 147 0.55 -6.72 -10.12
C ARG A 147 0.63 -6.47 -11.58
N HIS A 148 1.54 -5.60 -12.01
CA HIS A 148 1.75 -5.36 -13.44
C HIS A 148 2.19 -6.65 -14.14
N VAL A 149 3.14 -7.32 -13.57
CA VAL A 149 3.61 -8.56 -14.14
C VAL A 149 2.55 -9.65 -14.20
N SER A 150 1.76 -9.79 -13.14
CA SER A 150 0.62 -10.73 -13.08
C SER A 150 -0.39 -10.39 -14.13
N PHE A 151 -0.65 -9.10 -14.30
CA PHE A 151 -1.55 -8.69 -15.38
C PHE A 151 -1.02 -9.07 -16.75
N GLY A 152 0.29 -8.86 -16.98
CA GLY A 152 0.85 -9.20 -18.25
C GLY A 152 0.68 -10.67 -18.53
N LEU A 153 0.81 -11.53 -17.52
CA LEU A 153 0.57 -13.00 -17.74
C LEU A 153 -0.81 -13.24 -18.28
N SER A 154 -1.78 -12.47 -17.83
CA SER A 154 -3.12 -12.62 -18.27
C SER A 154 -3.36 -12.23 -19.73
N LEU A 155 -2.52 -11.42 -20.33
CA LEU A 155 -2.59 -10.98 -21.69
C LEU A 155 -2.05 -12.02 -22.68
N ILE A 156 -1.31 -13.00 -22.16
CA ILE A 156 -0.71 -14.03 -23.01
C ILE A 156 -1.65 -15.19 -23.21
N GLU A 157 -1.82 -15.55 -24.47
CA GLU A 157 -2.54 -16.78 -24.82
C GLU A 157 -1.65 -17.80 -25.49
N ASP A 158 -0.90 -17.35 -26.46
CA ASP A 158 0.02 -18.25 -27.18
C ASP A 158 1.31 -18.44 -26.39
N LYS A 159 1.33 -19.50 -25.63
CA LYS A 159 2.44 -19.77 -24.67
C LYS A 159 3.74 -19.94 -25.38
N GLU A 160 3.76 -20.71 -26.45
CA GLU A 160 5.00 -20.91 -27.20
C GLU A 160 5.56 -19.63 -27.81
N TYR A 161 4.70 -18.78 -28.42
CA TYR A 161 5.15 -17.55 -28.95
C TYR A 161 5.72 -16.62 -27.84
N ALA A 162 5.04 -16.60 -26.71
CA ALA A 162 5.46 -15.72 -25.60
C ALA A 162 6.82 -16.12 -25.00
N VAL A 163 6.98 -17.42 -24.83
CA VAL A 163 8.27 -17.90 -24.32
C VAL A 163 9.37 -17.53 -25.28
N LYS A 164 9.18 -17.80 -26.61
CA LYS A 164 10.19 -17.46 -27.58
C LYS A 164 10.50 -15.93 -27.58
N ARG A 165 9.47 -15.09 -27.41
CA ARG A 165 9.68 -13.68 -27.28
C ARG A 165 10.57 -13.32 -26.12
N VAL A 166 10.28 -13.90 -24.96
CA VAL A 166 11.06 -13.66 -23.76
C VAL A 166 12.52 -14.02 -24.05
N GLU A 167 12.71 -15.20 -24.62
CA GLU A 167 14.06 -15.68 -24.94
C GLU A 167 14.77 -14.74 -25.91
N GLU A 168 14.05 -14.19 -26.90
CA GLU A 168 14.66 -13.34 -27.90
C GLU A 168 15.08 -12.02 -27.38
N LEU A 169 14.33 -11.49 -26.41
CA LEU A 169 14.53 -10.17 -25.92
C LEU A 169 15.41 -10.12 -24.66
N PHE A 170 15.59 -11.25 -24.04
CA PHE A 170 16.39 -11.27 -22.84
C PHE A 170 17.84 -10.74 -23.07
N PRO A 171 18.49 -11.07 -24.18
CA PRO A 171 19.87 -10.59 -24.31
C PRO A 171 19.97 -9.09 -24.32
N LEU A 172 18.96 -8.39 -24.85
CA LEU A 172 18.95 -6.94 -24.84
C LEU A 172 18.88 -6.43 -23.40
N ALA A 173 18.04 -7.07 -22.60
CA ALA A 173 17.98 -6.76 -21.18
C ALA A 173 19.33 -6.89 -20.49
N VAL A 174 20.02 -7.99 -20.77
CA VAL A 174 21.30 -8.21 -20.17
C VAL A 174 22.26 -7.07 -20.56
N GLN A 175 22.24 -6.68 -21.82
CA GLN A 175 23.16 -5.59 -22.31
C GLN A 175 22.89 -4.30 -21.62
N ILE A 176 21.60 -4.00 -21.32
CA ILE A 176 21.31 -2.79 -20.56
C ILE A 176 22.01 -2.75 -19.22
N VAL A 177 21.98 -3.84 -18.46
CA VAL A 177 22.61 -3.89 -17.14
C VAL A 177 24.14 -3.83 -17.31
N LYS A 178 24.68 -4.57 -18.28
CA LYS A 178 26.16 -4.53 -18.46
C LYS A 178 26.68 -3.16 -18.87
N GLU A 179 25.87 -2.43 -19.67
CA GLU A 179 26.18 -1.07 -20.06
C GLU A 179 26.21 -0.09 -18.89
N GLY A 180 25.57 -0.45 -17.78
CA GLY A 180 25.56 0.38 -16.58
C GLY A 180 26.65 0.04 -15.58
N LYS A 181 27.62 -0.78 -15.98
CA LYS A 181 28.64 -1.29 -15.05
C LYS A 181 29.30 -0.18 -14.24
N ASP A 182 29.69 0.89 -14.91
CA ASP A 182 30.50 1.90 -14.23
C ASP A 182 29.68 2.70 -13.20
N LYS A 183 28.38 2.84 -13.42
CA LYS A 183 27.45 3.51 -12.45
C LYS A 183 26.93 2.62 -11.35
N ILE A 184 26.88 1.31 -11.61
CA ILE A 184 26.27 0.35 -10.66
C ILE A 184 27.30 -0.24 -9.70
N GLU A 185 28.49 -0.58 -10.20
CA GLU A 185 29.54 -1.14 -9.37
C GLU A 185 29.91 -0.30 -8.16
N PRO A 186 29.92 1.03 -8.28
CA PRO A 186 30.15 1.83 -7.06
C PRO A 186 29.11 1.70 -5.95
N LEU A 187 27.91 1.21 -6.29
CA LEU A 187 26.95 0.91 -5.26
C LEU A 187 27.25 -0.42 -4.55
N GLY A 188 28.29 -1.14 -4.97
CA GLY A 188 28.71 -2.34 -4.27
C GLY A 188 28.19 -3.66 -4.89
N TYR A 189 27.58 -3.58 -6.05
CA TYR A 189 26.98 -4.75 -6.74
C TYR A 189 27.96 -5.32 -7.76
N SER A 190 27.87 -6.63 -7.90
CA SER A 190 28.57 -7.38 -8.92
C SER A 190 27.69 -7.48 -10.16
N ILE A 191 28.18 -7.04 -11.31
CA ILE A 191 27.42 -7.17 -12.56
C ILE A 191 27.14 -8.64 -12.85
N GLN A 192 28.14 -9.53 -12.70
CA GLN A 192 27.85 -10.94 -12.84
C GLN A 192 26.71 -11.46 -11.96
N GLU A 193 26.67 -11.08 -10.70
CA GLU A 193 25.62 -11.55 -9.77
C GLU A 193 24.27 -11.00 -10.24
N LEU A 194 24.26 -9.78 -10.73
CA LEU A 194 22.99 -9.21 -11.26
C LEU A 194 22.51 -9.92 -12.49
N VAL A 195 23.39 -10.25 -13.44
CA VAL A 195 23.04 -11.05 -14.58
C VAL A 195 22.60 -12.46 -14.18
N ASN A 196 23.25 -13.07 -13.17
CA ASN A 196 22.76 -14.34 -12.65
C ASN A 196 21.33 -14.24 -12.13
N LEU A 197 21.03 -13.19 -11.39
CA LEU A 197 19.66 -12.96 -10.95
C LEU A 197 18.72 -12.79 -12.13
N MET A 198 19.13 -12.04 -13.16
CA MET A 198 18.29 -11.89 -14.33
C MET A 198 17.96 -13.22 -14.95
N GLU A 199 18.94 -14.15 -15.01
CA GLU A 199 18.67 -15.45 -15.58
C GLU A 199 17.65 -16.21 -14.80
N GLU A 200 17.69 -16.11 -13.47
CA GLU A 200 16.71 -16.78 -12.65
C GLU A 200 15.32 -16.17 -12.82
N LEU A 201 15.25 -14.86 -12.92
CA LEU A 201 13.97 -14.19 -13.21
C LEU A 201 13.37 -14.57 -14.56
N LYS A 202 14.19 -14.65 -15.57
CA LYS A 202 13.75 -15.12 -16.89
C LYS A 202 13.13 -16.50 -16.77
N LYS A 203 13.82 -17.44 -16.11
CA LYS A 203 13.30 -18.76 -15.90
C LYS A 203 11.99 -18.77 -15.15
N ALA A 204 11.89 -17.94 -14.13
CA ALA A 204 10.65 -17.85 -13.34
C ALA A 204 9.48 -17.34 -14.17
N ARG A 205 9.70 -16.33 -14.99
CA ARG A 205 8.62 -15.77 -15.82
C ARG A 205 8.20 -16.78 -16.85
N ILE A 206 9.17 -17.44 -17.47
CA ILE A 206 8.85 -18.52 -18.42
C ILE A 206 8.10 -19.65 -17.77
N ASN A 207 8.53 -20.09 -16.60
CA ASN A 207 7.79 -21.10 -15.89
C ASN A 207 6.32 -20.73 -15.62
N LYS A 208 6.10 -19.47 -15.30
CA LYS A 208 4.74 -19.00 -14.99
C LYS A 208 3.89 -18.98 -16.27
N ILE A 209 4.49 -18.55 -17.37
CA ILE A 209 3.83 -18.59 -18.70
C ILE A 209 3.41 -20.04 -19.06
N LEU A 210 4.32 -20.98 -18.87
CA LEU A 210 4.05 -22.37 -19.17
C LEU A 210 3.07 -23.05 -18.21
N GLY A 211 2.96 -22.52 -17.00
CA GLY A 211 2.04 -23.05 -15.99
C GLY A 211 0.63 -22.52 -15.99
N SER A 212 0.30 -21.52 -16.84
CA SER A 212 -1.04 -20.87 -16.80
C SER A 212 -2.20 -21.75 -17.24
N MET B 1 -31.63 4.91 22.14
CA MET B 1 -31.77 4.30 20.78
C MET B 1 -32.71 5.16 19.98
N ASP B 2 -32.54 5.20 18.68
CA ASP B 2 -33.40 5.94 17.90
C ASP B 2 -34.75 5.21 17.83
N LYS B 3 -35.81 5.99 17.88
CA LYS B 3 -37.16 5.42 17.83
C LYS B 3 -37.39 4.65 16.54
N ASN B 4 -36.73 4.99 15.43
CA ASN B 4 -36.83 4.28 14.19
C ASN B 4 -35.81 3.16 13.95
N TRP B 5 -35.13 2.73 14.99
CA TRP B 5 -34.21 1.63 14.82
C TRP B 5 -34.88 0.35 14.25
N PHE B 6 -35.91 -0.11 14.92
CA PHE B 6 -36.45 -1.41 14.57
C PHE B 6 -37.24 -1.41 13.27
N SER B 7 -37.64 -0.23 12.78
CA SER B 7 -38.23 -0.11 11.47
C SER B 7 -37.23 -0.06 10.33
N THR B 8 -35.95 -0.01 10.67
CA THR B 8 -34.89 -0.17 9.71
C THR B 8 -34.83 -1.64 9.25
N PRO B 9 -34.51 -1.91 8.00
CA PRO B 9 -34.51 -3.32 7.58
C PRO B 9 -33.55 -4.18 8.37
N GLN B 10 -33.92 -5.44 8.57
CA GLN B 10 -33.16 -6.35 9.36
C GLN B 10 -31.68 -6.49 8.91
N GLU B 11 -31.43 -6.57 7.61
CA GLU B 11 -30.04 -6.78 7.13
C GLU B 11 -29.16 -5.55 7.46
N ILE B 12 -29.82 -4.41 7.41
CA ILE B 12 -29.16 -3.16 7.71
C ILE B 12 -28.87 -3.10 9.19
N ARG B 13 -29.84 -3.42 10.05
CA ARG B 13 -29.55 -3.52 11.45
C ARG B 13 -28.43 -4.51 11.79
N GLU B 14 -28.40 -5.67 11.12
CA GLU B 14 -27.39 -6.67 11.42
C GLU B 14 -25.98 -6.18 11.10
N GLY B 15 -25.91 -5.46 9.98
CA GLY B 15 -24.62 -4.95 9.56
C GLY B 15 -24.16 -3.84 10.50
N ILE B 16 -25.08 -2.97 10.88
CA ILE B 16 -24.74 -1.87 11.82
C ILE B 16 -24.28 -2.47 13.15
N LYS B 17 -25.00 -3.48 13.65
CA LYS B 17 -24.54 -4.15 14.83
C LYS B 17 -23.20 -4.81 14.69
N TYR B 18 -22.95 -5.41 13.56
CA TYR B 18 -21.70 -6.15 13.37
C TYR B 18 -20.51 -5.16 13.46
N LEU B 19 -20.64 -4.08 12.73
CA LEU B 19 -19.59 -3.06 12.74
C LEU B 19 -19.49 -2.39 14.09
N SER B 20 -20.62 -2.10 14.75
CA SER B 20 -20.57 -1.48 16.06
C SER B 20 -19.83 -2.35 17.10
N ALA B 21 -19.96 -3.68 16.94
CA ALA B 21 -19.30 -4.60 17.86
C ALA B 21 -17.77 -4.53 17.71
N HIS B 22 -17.29 -4.09 16.58
CA HIS B 22 -15.82 -3.86 16.45
C HIS B 22 -15.35 -2.70 17.35
N PHE B 23 -16.24 -1.76 17.61
CA PHE B 23 -15.93 -0.70 18.53
C PHE B 23 -16.24 -1.01 19.98
N TYR B 24 -17.15 -1.95 20.19
CA TYR B 24 -17.59 -2.36 21.49
C TYR B 24 -17.91 -3.86 21.47
N PRO B 25 -16.86 -4.70 21.63
CA PRO B 25 -16.99 -6.12 21.37
C PRO B 25 -17.57 -6.86 22.57
N ALA B 26 -18.84 -6.59 22.82
CA ALA B 26 -19.45 -7.01 24.04
C ALA B 26 -19.43 -8.53 24.22
N SER B 27 -19.47 -9.30 23.15
CA SER B 27 -19.47 -10.76 23.28
C SER B 27 -18.15 -11.30 23.85
N ILE B 28 -17.06 -10.54 23.77
CA ILE B 28 -15.75 -11.05 24.24
C ILE B 28 -14.85 -10.04 24.92
N MET B 29 -15.41 -8.89 25.25
CA MET B 29 -14.70 -7.81 25.95
C MET B 29 -13.80 -8.28 27.12
N ASP B 30 -14.36 -9.16 27.96
CA ASP B 30 -13.62 -9.68 29.15
C ASP B 30 -12.27 -10.31 28.84
N ARG B 31 -12.11 -10.83 27.62
CA ARG B 31 -10.81 -11.36 27.18
C ARG B 31 -9.71 -10.35 27.39
N TRP B 32 -10.03 -9.08 27.18
CA TRP B 32 -9.00 -8.06 27.22
C TRP B 32 -9.24 -7.10 28.38
N LYS B 33 -9.71 -7.65 29.48
CA LYS B 33 -9.90 -6.85 30.69
C LYS B 33 -8.63 -6.07 31.10
N ILE B 34 -7.49 -6.72 30.92
CA ILE B 34 -6.18 -6.20 31.31
C ILE B 34 -5.85 -4.88 30.61
N LEU B 35 -6.45 -4.62 29.45
CA LEU B 35 -6.17 -3.37 28.71
C LEU B 35 -6.64 -2.14 29.44
N LYS B 36 -7.62 -2.27 30.35
CA LYS B 36 -8.02 -1.09 31.14
C LYS B 36 -6.86 -0.66 32.03
N LYS B 37 -6.31 -1.56 32.85
CA LYS B 37 -5.15 -1.22 33.68
C LYS B 37 -3.95 -0.75 32.89
N LEU B 38 -3.63 -1.50 31.88
CA LEU B 38 -2.49 -1.13 31.06
C LEU B 38 -2.61 0.26 30.46
N SER B 39 -3.81 0.58 29.93
CA SER B 39 -3.99 1.86 29.29
C SER B 39 -3.93 2.96 30.31
N PHE B 40 -4.51 2.72 31.47
CA PHE B 40 -4.45 3.75 32.53
C PHE B 40 -3.02 3.96 33.00
N GLU B 41 -2.31 2.88 33.13
CA GLU B 41 -0.88 2.97 33.56
C GLU B 41 -0.04 3.78 32.60
N LYS B 42 -0.17 3.46 31.31
CA LYS B 42 0.60 4.14 30.35
C LYS B 42 0.19 5.59 30.17
N ALA B 43 -1.12 5.86 30.24
CA ALA B 43 -1.56 7.21 30.09
C ALA B 43 -1.07 8.10 31.25
N LYS B 44 -0.93 7.55 32.46
CA LYS B 44 -0.46 8.31 33.58
C LYS B 44 1.05 8.63 33.48
N ILE B 45 1.74 7.78 32.73
CA ILE B 45 3.14 8.01 32.45
C ILE B 45 3.35 9.17 31.54
N ILE B 46 2.73 9.13 30.37
CA ILE B 46 2.85 10.17 29.36
C ILE B 46 2.07 11.41 29.72
N ALA B 47 0.91 11.23 30.32
CA ALA B 47 0.14 12.32 31.00
C ALA B 47 -0.06 13.58 30.26
N ASN B 48 -0.32 13.47 28.98
CA ASN B 48 -0.73 14.69 28.22
C ASN B 48 -2.13 14.43 27.64
N TYR B 49 -2.27 14.52 26.33
CA TYR B 49 -3.52 14.09 25.72
C TYR B 49 -3.84 12.64 26.01
N SER B 50 -2.87 11.79 26.41
CA SER B 50 -3.17 10.39 26.63
C SER B 50 -4.31 10.15 27.60
N LEU B 51 -4.39 11.00 28.63
CA LEU B 51 -5.45 10.80 29.62
C LEU B 51 -6.84 11.16 29.03
N GLN B 52 -6.89 12.19 28.22
CA GLN B 52 -8.09 12.52 27.50
C GLN B 52 -8.46 11.42 26.49
N GLN B 53 -7.47 10.87 25.81
CA GLN B 53 -7.79 9.73 24.94
C GLN B 53 -8.46 8.52 25.63
N VAL B 54 -7.93 8.12 26.81
CA VAL B 54 -8.50 7.02 27.48
C VAL B 54 -9.93 7.35 27.89
N ILE B 55 -10.17 8.57 28.40
CA ILE B 55 -11.54 8.94 28.80
C ILE B 55 -12.48 8.93 27.58
N GLU B 56 -11.95 9.37 26.45
CA GLU B 56 -12.75 9.36 25.21
C GLU B 56 -13.07 7.95 24.75
N GLU B 57 -12.12 7.03 24.90
CA GLU B 57 -12.42 5.64 24.55
C GLU B 57 -13.52 5.05 25.42
N ILE B 58 -13.49 5.38 26.71
CA ILE B 58 -14.56 5.01 27.61
C ILE B 58 -15.91 5.60 27.15
N GLU B 59 -15.91 6.86 26.80
CA GLU B 59 -17.13 7.50 26.30
C GLU B 59 -17.67 6.80 25.07
N HIS B 60 -16.78 6.35 24.19
CA HIS B 60 -17.21 5.62 22.97
C HIS B 60 -17.88 4.31 23.37
N PHE B 61 -17.25 3.57 24.28
CA PHE B 61 -17.86 2.35 24.79
C PHE B 61 -19.23 2.59 25.38
N ASP B 62 -19.35 3.64 26.18
CA ASP B 62 -20.60 3.95 26.86
C ASP B 62 -21.68 4.35 25.81
N PHE B 63 -21.29 5.04 24.74
CA PHE B 63 -22.24 5.38 23.66
C PHE B 63 -22.83 4.08 23.09
N PHE B 64 -21.98 3.12 22.74
CA PHE B 64 -22.48 1.88 22.12
C PHE B 64 -23.33 1.07 23.10
N ASN B 65 -22.83 0.94 24.32
CA ASN B 65 -23.58 0.18 25.33
C ASN B 65 -24.94 0.79 25.59
N GLU B 66 -25.04 2.10 25.71
CA GLU B 66 -26.34 2.74 25.92
C GLU B 66 -27.25 2.64 24.72
N TYR B 67 -26.69 2.85 23.53
CA TYR B 67 -27.51 2.74 22.35
C TYR B 67 -28.20 1.39 22.20
N PHE B 68 -27.47 0.31 22.41
CA PHE B 68 -27.91 -1.03 22.05
C PHE B 68 -28.52 -1.80 23.24
N LYS B 69 -28.89 -1.08 24.29
CA LYS B 69 -29.53 -1.73 25.47
C LYS B 69 -30.63 -2.71 25.08
N GLU B 70 -31.54 -2.26 24.21
CA GLU B 70 -32.64 -3.06 23.71
C GLU B 70 -32.38 -3.94 22.53
N ASP B 71 -31.14 -3.99 22.06
CA ASP B 71 -30.76 -4.84 20.99
C ASP B 71 -29.26 -5.07 21.11
N PRO B 72 -28.85 -5.86 22.12
CA PRO B 72 -27.43 -5.85 22.50
C PRO B 72 -26.45 -6.52 21.55
N LEU B 73 -25.22 -6.01 21.62
CA LEU B 73 -24.16 -6.42 20.77
C LEU B 73 -23.50 -7.72 21.21
N THR B 74 -23.96 -8.29 22.33
CA THR B 74 -23.56 -9.66 22.76
C THR B 74 -23.90 -10.75 21.74
N THR B 75 -24.80 -10.46 20.79
CA THR B 75 -25.14 -11.40 19.71
C THR B 75 -24.08 -11.52 18.63
N VAL B 76 -23.12 -10.61 18.63
CA VAL B 76 -22.21 -10.54 17.53
C VAL B 76 -20.92 -11.23 17.89
N ARG B 77 -20.54 -12.18 17.04
CA ARG B 77 -19.25 -12.84 17.12
C ARG B 77 -18.25 -12.05 16.29
N LEU B 78 -17.17 -11.69 16.94
CA LEU B 78 -16.07 -10.98 16.23
C LEU B 78 -15.23 -11.96 15.44
N PRO B 79 -14.74 -11.53 14.28
CA PRO B 79 -13.95 -12.43 13.50
C PRO B 79 -12.55 -12.74 14.07
N PRO B 80 -11.96 -13.84 13.60
CA PRO B 80 -10.75 -14.28 14.27
C PRO B 80 -9.54 -13.32 14.11
N SER B 81 -9.48 -12.60 12.99
CA SER B 81 -8.37 -11.64 12.80
C SER B 81 -8.53 -10.43 13.74
N TYR B 82 -9.75 -10.10 14.11
CA TYR B 82 -9.98 -9.04 15.10
C TYR B 82 -9.49 -9.48 16.48
N ILE B 83 -9.83 -10.71 16.85
CA ILE B 83 -9.31 -11.24 18.10
C ILE B 83 -7.77 -11.22 18.16
N LYS B 84 -7.11 -11.54 17.05
CA LYS B 84 -5.67 -11.52 16.97
C LYS B 84 -5.11 -10.12 17.10
N LEU B 85 -5.80 -9.16 16.49
CA LEU B 85 -5.35 -7.78 16.60
C LEU B 85 -5.25 -7.32 18.03
N PHE B 86 -6.29 -7.57 18.78
CA PHE B 86 -6.35 -7.14 20.15
C PHE B 86 -5.51 -7.99 21.08
N ASP B 87 -5.43 -9.29 20.82
CA ASP B 87 -4.40 -10.07 21.56
C ASP B 87 -3.00 -9.47 21.41
N GLY B 88 -2.66 -9.05 20.20
CA GLY B 88 -1.40 -8.38 19.97
C GLY B 88 -1.25 -7.05 20.70
N LEU B 89 -2.33 -6.25 20.79
CA LEU B 89 -2.27 -5.04 21.52
C LEU B 89 -1.92 -5.24 23.00
N VAL B 90 -2.48 -6.27 23.63
CA VAL B 90 -2.11 -6.59 25.01
C VAL B 90 -0.57 -6.82 25.05
N GLU B 91 -0.07 -7.67 24.17
CA GLU B 91 1.40 -7.89 24.07
C GLU B 91 2.18 -6.58 23.94
N ASP B 92 1.74 -5.71 23.07
CA ASP B 92 2.44 -4.44 22.82
C ASP B 92 2.45 -3.53 24.06
N PHE B 93 1.35 -3.51 24.80
CA PHE B 93 1.33 -2.71 26.03
C PHE B 93 2.37 -3.22 27.06
N GLN B 94 2.63 -4.51 27.00
CA GLN B 94 3.61 -5.14 27.89
C GLN B 94 5.00 -5.18 27.28
N SER B 95 5.20 -4.57 26.12
CA SER B 95 6.50 -4.59 25.49
C SER B 95 7.38 -3.46 25.95
N SER B 96 8.67 -3.66 25.63
CA SER B 96 9.69 -2.65 25.83
C SER B 96 9.44 -1.35 25.04
N ARG B 97 9.25 -1.47 23.73
CA ARG B 97 8.98 -0.29 22.90
C ARG B 97 7.48 -0.10 22.86
N TRP B 98 6.84 -0.07 24.04
CA TRP B 98 5.36 0.05 24.06
C TRP B 98 4.84 1.30 23.39
N ARG B 99 5.56 2.43 23.47
CA ARG B 99 5.04 3.68 22.94
C ARG B 99 4.86 3.53 21.44
N GLU B 100 5.92 3.12 20.77
CA GLU B 100 5.87 2.97 19.31
C GLU B 100 5.01 1.79 18.86
N ASN B 101 5.02 0.73 19.65
CA ASN B 101 4.24 -0.47 19.30
C ASN B 101 2.76 -0.19 19.38
N ILE B 102 2.34 0.49 20.43
CA ILE B 102 0.94 0.89 20.52
C ILE B 102 0.57 1.93 19.51
N ALA B 103 1.44 2.90 19.30
CA ALA B 103 1.12 3.97 18.35
C ALA B 103 0.90 3.37 16.96
N THR B 104 1.65 2.34 16.57
CA THR B 104 1.48 1.80 15.23
C THR B 104 0.32 0.80 15.17
N ARG B 105 0.21 -0.11 16.11
CA ARG B 105 -0.91 -1.07 16.06
C ARG B 105 -2.25 -0.42 16.31
N PHE B 106 -2.27 0.45 17.33
CA PHE B 106 -3.55 1.02 17.74
C PHE B 106 -3.78 2.34 17.01
N HIS B 107 -3.01 3.39 17.24
CA HIS B 107 -3.34 4.66 16.63
C HIS B 107 -3.35 4.61 15.10
N MET B 108 -2.29 4.05 14.51
CA MET B 108 -2.22 4.07 13.04
C MET B 108 -3.15 3.04 12.41
N ILE B 109 -3.05 1.77 12.79
CA ILE B 109 -3.74 0.70 12.04
C ILE B 109 -5.20 0.60 12.52
N THR B 110 -5.40 0.68 13.83
CA THR B 110 -6.74 0.43 14.38
C THR B 110 -7.58 1.68 14.29
N GLU B 111 -7.09 2.81 14.77
CA GLU B 111 -7.83 4.08 14.66
C GLU B 111 -7.72 4.67 13.27
N GLY B 112 -6.55 4.61 12.65
CA GLY B 112 -6.29 5.37 11.44
C GLY B 112 -6.56 4.63 10.15
N VAL B 113 -6.80 3.33 10.23
CA VAL B 113 -7.19 2.57 9.03
C VAL B 113 -8.54 1.86 9.29
N LEU B 114 -8.60 0.95 10.24
CA LEU B 114 -9.80 0.15 10.47
C LEU B 114 -10.96 1.00 10.95
N ALA B 115 -10.76 1.79 12.01
CA ALA B 115 -11.85 2.63 12.52
C ALA B 115 -12.31 3.63 11.48
N THR B 116 -11.38 4.21 10.70
CA THR B 116 -11.73 5.13 9.67
C THR B 116 -12.76 4.52 8.71
N VAL B 117 -12.52 3.28 8.28
CA VAL B 117 -13.41 2.58 7.38
C VAL B 117 -14.76 2.21 8.03
N GLY B 118 -14.69 1.67 9.22
CA GLY B 118 -15.87 1.31 9.96
C GLY B 118 -16.77 2.48 10.29
N LEU B 119 -16.19 3.60 10.68
CA LEU B 119 -16.97 4.78 11.04
C LEU B 119 -17.57 5.39 9.77
N LYS B 120 -16.85 5.31 8.64
CA LYS B 120 -17.39 5.81 7.33
C LYS B 120 -18.67 5.05 7.02
N ILE B 121 -18.61 3.74 7.13
CA ILE B 121 -19.79 2.89 6.83
C ILE B 121 -20.89 3.16 7.80
N LEU B 122 -20.57 3.27 9.09
CA LEU B 122 -21.56 3.63 10.07
C LEU B 122 -22.20 4.98 9.89
N ASN B 123 -21.39 5.99 9.51
CA ASN B 123 -21.93 7.32 9.34
C ASN B 123 -22.88 7.33 8.09
N GLU B 124 -22.38 6.83 7.01
CA GLU B 124 -23.14 6.82 5.75
C GLU B 124 -24.44 6.02 5.91
N THR B 125 -24.34 4.87 6.56
CA THR B 125 -25.48 4.03 6.67
C THR B 125 -26.53 4.62 7.64
N SER B 126 -26.10 5.13 8.80
CA SER B 126 -27.03 5.73 9.70
C SER B 126 -27.69 6.98 9.12
N ARG B 127 -26.96 7.74 8.35
CA ARG B 127 -27.54 8.90 7.64
C ARG B 127 -28.63 8.44 6.68
N LYS B 128 -28.34 7.43 5.88
CA LYS B 128 -29.24 6.92 4.86
C LYS B 128 -30.55 6.51 5.48
N TYR B 129 -30.47 5.84 6.60
CA TYR B 129 -31.63 5.32 7.30
C TYR B 129 -32.23 6.22 8.37
N ASN B 130 -31.79 7.47 8.41
CA ASN B 130 -32.34 8.45 9.33
C ASN B 130 -32.27 8.12 10.83
N LEU B 131 -31.19 7.45 11.25
CA LEU B 131 -30.95 7.07 12.63
C LEU B 131 -30.18 8.25 13.27
N LEU B 132 -30.92 9.28 13.66
CA LEU B 132 -30.30 10.58 13.91
C LEU B 132 -29.35 10.58 15.11
N LYS B 133 -29.78 10.01 16.22
CA LYS B 133 -28.94 9.99 17.41
C LYS B 133 -27.72 9.12 17.17
N PHE B 134 -27.91 8.00 16.50
CA PHE B 134 -26.77 7.12 16.24
C PHE B 134 -25.81 7.86 15.36
N ASN B 135 -26.32 8.50 14.29
CA ASN B 135 -25.43 9.24 13.39
C ASN B 135 -24.65 10.34 14.05
N GLU B 136 -25.28 11.09 14.93
CA GLU B 136 -24.56 12.12 15.65
C GLU B 136 -23.48 11.53 16.54
N GLY B 137 -23.74 10.39 17.17
CA GLY B 137 -22.74 9.75 17.97
C GLY B 137 -21.55 9.32 17.14
N ILE B 138 -21.80 8.77 15.99
CA ILE B 138 -20.69 8.37 15.08
C ILE B 138 -19.94 9.60 14.65
N LYS B 139 -20.63 10.69 14.30
CA LYS B 139 -19.87 11.90 13.90
C LYS B 139 -18.95 12.39 15.06
N ARG B 140 -19.42 12.30 16.30
CA ARG B 140 -18.62 12.70 17.47
C ARG B 140 -17.39 11.80 17.57
N ILE B 141 -17.60 10.51 17.36
CA ILE B 141 -16.46 9.57 17.43
C ILE B 141 -15.44 9.89 16.35
N ILE B 142 -15.92 10.14 15.14
CA ILE B 142 -15.03 10.53 14.01
C ILE B 142 -14.17 11.71 14.40
N GLU B 143 -14.78 12.75 14.99
CA GLU B 143 -13.99 13.88 15.38
C GLU B 143 -12.97 13.51 16.39
N ASP B 144 -13.39 12.73 17.39
CA ASP B 144 -12.45 12.30 18.42
C ASP B 144 -11.29 11.52 17.80
N GLU B 145 -11.61 10.63 16.89
CA GLU B 145 -10.60 9.73 16.37
C GLU B 145 -9.59 10.46 15.51
N ALA B 146 -9.98 11.55 14.89
CA ALA B 146 -9.00 12.37 14.15
C ALA B 146 -7.94 12.91 15.10
N ARG B 147 -8.35 13.30 16.31
CA ARG B 147 -7.37 13.74 17.29
C ARG B 147 -6.58 12.58 17.81
N HIS B 148 -7.21 11.42 17.94
CA HIS B 148 -6.48 10.20 18.43
C HIS B 148 -5.33 9.84 17.47
N VAL B 149 -5.59 9.85 16.17
CA VAL B 149 -4.58 9.54 15.17
C VAL B 149 -3.46 10.57 15.19
N SER B 150 -3.80 11.86 15.32
CA SER B 150 -2.78 12.92 15.41
C SER B 150 -1.91 12.74 16.62
N PHE B 151 -2.54 12.38 17.75
CA PHE B 151 -1.77 12.09 18.96
C PHE B 151 -0.80 10.95 18.73
N GLY B 152 -1.29 9.91 18.06
CA GLY B 152 -0.45 8.76 17.85
C GLY B 152 0.77 9.16 17.03
N LEU B 153 0.64 10.05 16.05
CA LEU B 153 1.81 10.52 15.28
C LEU B 153 2.83 11.13 16.18
N SER B 154 2.38 11.83 17.23
CA SER B 154 3.28 12.43 18.14
C SER B 154 4.06 11.45 19.00
N LEU B 155 3.61 10.24 19.18
CA LEU B 155 4.29 9.23 19.97
C LEU B 155 5.43 8.50 19.19
N ILE B 156 5.44 8.71 17.86
CA ILE B 156 6.41 8.05 16.98
C ILE B 156 7.69 8.89 16.87
N GLU B 157 8.83 8.28 17.19
CA GLU B 157 10.13 8.90 17.01
C GLU B 157 10.86 8.22 15.85
N ASP B 158 10.88 6.90 15.90
CA ASP B 158 11.69 6.10 14.91
C ASP B 158 10.83 5.86 13.68
N LYS B 159 10.99 6.75 12.70
CA LYS B 159 10.15 6.74 11.51
C LYS B 159 10.24 5.44 10.76
N GLU B 160 11.44 4.94 10.56
CA GLU B 160 11.57 3.70 9.82
C GLU B 160 10.90 2.52 10.52
N TYR B 161 11.04 2.43 11.86
CA TYR B 161 10.47 1.34 12.56
C TYR B 161 8.92 1.42 12.47
N ALA B 162 8.43 2.63 12.59
CA ALA B 162 6.97 2.83 12.60
C ALA B 162 6.33 2.47 11.25
N VAL B 163 6.99 2.88 10.19
CA VAL B 163 6.47 2.60 8.84
C VAL B 163 6.47 1.10 8.63
N LYS B 164 7.59 0.42 9.00
CA LYS B 164 7.62 -1.03 8.89
C LYS B 164 6.55 -1.74 9.71
N ARG B 165 6.26 -1.24 10.92
CA ARG B 165 5.17 -1.75 11.72
C ARG B 165 3.81 -1.63 11.04
N VAL B 166 3.55 -0.47 10.49
CA VAL B 166 2.29 -0.25 9.73
C VAL B 166 2.21 -1.26 8.59
N GLU B 167 3.28 -1.39 7.83
CA GLU B 167 3.32 -2.32 6.70
C GLU B 167 3.10 -3.78 7.16
N GLU B 168 3.67 -4.17 8.31
CA GLU B 168 3.51 -5.50 8.83
C GLU B 168 2.17 -5.85 9.31
N LEU B 169 1.48 -4.86 9.88
CA LEU B 169 0.18 -5.10 10.48
C LEU B 169 -1.01 -4.85 9.56
N PHE B 170 -0.78 -4.17 8.46
CA PHE B 170 -1.85 -3.87 7.52
C PHE B 170 -2.55 -5.11 6.99
N PRO B 171 -1.82 -6.18 6.66
CA PRO B 171 -2.56 -7.34 6.15
C PRO B 171 -3.58 -7.94 7.15
N LEU B 172 -3.31 -7.87 8.46
CA LEU B 172 -4.30 -8.31 9.45
C LEU B 172 -5.54 -7.42 9.39
N ALA B 173 -5.34 -6.10 9.23
CA ALA B 173 -6.44 -5.20 9.07
C ALA B 173 -7.31 -5.57 7.88
N VAL B 174 -6.66 -5.88 6.76
CA VAL B 174 -7.40 -6.23 5.57
C VAL B 174 -8.23 -7.50 5.82
N GLN B 175 -7.65 -8.49 6.47
CA GLN B 175 -8.37 -9.75 6.78
C GLN B 175 -9.56 -9.50 7.65
N ILE B 176 -9.47 -8.56 8.60
CA ILE B 176 -10.65 -8.25 9.43
C ILE B 176 -11.84 -7.82 8.59
N VAL B 177 -11.59 -6.93 7.66
CA VAL B 177 -12.65 -6.40 6.77
C VAL B 177 -13.15 -7.48 5.82
N LYS B 178 -12.23 -8.25 5.25
CA LYS B 178 -12.70 -9.40 4.40
C LYS B 178 -13.49 -10.45 5.17
N GLU B 179 -13.18 -10.70 6.44
CA GLU B 179 -13.95 -11.65 7.26
C GLU B 179 -15.38 -11.16 7.48
N GLY B 180 -15.61 -9.86 7.27
CA GLY B 180 -16.93 -9.23 7.48
C GLY B 180 -17.79 -9.17 6.24
N LYS B 181 -17.34 -9.83 5.16
CA LYS B 181 -18.00 -9.73 3.86
C LYS B 181 -19.53 -9.94 3.96
N ASP B 182 -19.94 -11.00 4.67
CA ASP B 182 -21.36 -11.41 4.62
C ASP B 182 -22.26 -10.44 5.38
N LYS B 183 -21.68 -9.71 6.34
CA LYS B 183 -22.42 -8.70 7.10
C LYS B 183 -22.36 -7.30 6.51
N ILE B 184 -21.29 -7.00 5.76
CA ILE B 184 -21.09 -5.65 5.19
C ILE B 184 -21.73 -5.50 3.83
N GLU B 185 -21.58 -6.51 2.97
CA GLU B 185 -22.18 -6.45 1.63
C GLU B 185 -23.67 -6.11 1.55
N PRO B 186 -24.49 -6.62 2.47
CA PRO B 186 -25.91 -6.21 2.49
C PRO B 186 -26.15 -4.72 2.75
N LEU B 187 -25.16 -4.01 3.28
CA LEU B 187 -25.26 -2.57 3.43
C LEU B 187 -24.99 -1.87 2.11
N GLY B 188 -24.63 -2.65 1.08
CA GLY B 188 -24.45 -2.09 -0.25
C GLY B 188 -23.00 -1.67 -0.54
N TYR B 189 -22.05 -2.14 0.25
CA TYR B 189 -20.63 -1.85 0.01
C TYR B 189 -19.91 -3.00 -0.67
N SER B 190 -18.93 -2.64 -1.46
CA SER B 190 -18.08 -3.59 -2.10
C SER B 190 -16.84 -3.76 -1.25
N ILE B 191 -16.54 -5.01 -0.90
CA ILE B 191 -15.36 -5.31 -0.06
C ILE B 191 -14.09 -4.85 -0.80
N GLN B 192 -14.00 -5.10 -2.12
CA GLN B 192 -12.83 -4.57 -2.84
C GLN B 192 -12.65 -3.07 -2.70
N GLU B 193 -13.73 -2.29 -2.86
CA GLU B 193 -13.65 -0.83 -2.76
C GLU B 193 -13.22 -0.47 -1.34
N LEU B 194 -13.67 -1.20 -0.35
CA LEU B 194 -13.25 -0.89 1.04
C LEU B 194 -11.77 -1.19 1.25
N VAL B 195 -11.25 -2.28 0.69
CA VAL B 195 -9.85 -2.62 0.75
C VAL B 195 -9.02 -1.59 0.00
N ASN B 196 -9.51 -1.14 -1.18
CA ASN B 196 -8.83 -0.07 -1.86
C ASN B 196 -8.74 1.21 -1.01
N LEU B 197 -9.82 1.58 -0.33
CA LEU B 197 -9.80 2.71 0.58
C LEU B 197 -8.75 2.46 1.68
N MET B 198 -8.72 1.25 2.22
CA MET B 198 -7.71 0.96 3.23
C MET B 198 -6.32 1.15 2.75
N GLU B 199 -6.04 0.76 1.50
CA GLU B 199 -4.67 0.96 0.96
C GLU B 199 -4.33 2.44 0.87
N GLU B 200 -5.31 3.28 0.50
CA GLU B 200 -5.07 4.72 0.47
C GLU B 200 -4.83 5.31 1.85
N LEU B 201 -5.58 4.85 2.85
CA LEU B 201 -5.38 5.24 4.23
C LEU B 201 -4.00 4.86 4.78
N LYS B 202 -3.58 3.68 4.45
CA LYS B 202 -2.24 3.19 4.86
C LYS B 202 -1.17 4.12 4.29
N LYS B 203 -1.26 4.43 3.00
CA LYS B 203 -0.34 5.34 2.35
C LYS B 203 -0.35 6.70 3.01
N ALA B 204 -1.52 7.19 3.35
CA ALA B 204 -1.60 8.52 3.98
C ALA B 204 -0.99 8.56 5.34
N ARG B 205 -1.21 7.51 6.12
CA ARG B 205 -0.60 7.48 7.46
C ARG B 205 0.90 7.38 7.37
N ILE B 206 1.38 6.52 6.47
CA ILE B 206 2.80 6.42 6.27
C ILE B 206 3.41 7.75 5.81
N ASN B 207 2.77 8.42 4.84
CA ASN B 207 3.25 9.70 4.39
C ASN B 207 3.37 10.70 5.51
N LYS B 208 2.39 10.68 6.40
CA LYS B 208 2.41 11.59 7.56
C LYS B 208 3.53 11.27 8.53
N ILE B 209 3.77 9.99 8.75
CA ILE B 209 4.90 9.57 9.58
C ILE B 209 6.23 10.03 8.99
N LEU B 210 6.38 9.88 7.67
CA LEU B 210 7.57 10.31 6.98
C LEU B 210 7.77 11.81 6.87
N GLY B 211 6.68 12.59 6.94
CA GLY B 211 6.77 14.05 6.80
C GLY B 211 6.93 14.77 8.11
N SER B 212 6.92 14.05 9.25
CA SER B 212 6.92 14.70 10.60
C SER B 212 8.23 15.43 10.84
#